data_5YTD
#
_entry.id   5YTD
#
_cell.length_a   108.909
_cell.length_b   108.909
_cell.length_c   90.539
_cell.angle_alpha   90.00
_cell.angle_beta   90.00
_cell.angle_gamma   120.00
#
_symmetry.space_group_name_H-M   'P 31 2 1'
#
loop_
_entity.id
_entity.type
_entity.pdbx_description
1 polymer 'DNA polymerase I, thermostable'
2 polymer "DNA (5'-D(*GP*AP*CP*CP*AP*CP*GP*GP*CP*GP*CP*(DOC))-3')"
3 polymer "DNA (5'-D(*AP*AP*AP*(5FC)P*GP*GP*CP*GP*CP*CP*GP*TP*GP*GP*TP*C)-3')"
4 non-polymer "2'-DEOXYGUANOSINE-5'-TRIPHOSPHATE"
5 non-polymer 'MAGNESIUM ION'
6 water water
#
loop_
_entity_poly.entity_id
_entity_poly.type
_entity_poly.pdbx_seq_one_letter_code
_entity_poly.pdbx_strand_id
1 'polypeptide(L)'
;LEEAPWPPPEGAFVGFVLSRKEPMWADLLALAAARGGRVHRAPEPYKALRDLKEARGLLAKDLSVLALREGLGLPPGDDP
MLLAYLLDPSNTTPEGVARRYGGEWTEEAGERAALSERLFANLWGRLEGEERLLWLYREVERPLSAVLAHMEATGVRLDV
AYLRALSLEVAEEIARLEAEVFRLAGHPFNLNSRDQLERVLFDELGLPAIGKTEKTGKRSTSAAVLEALREAHPIVEKIL
QYRELTKLKSTYIDPLPDLIHPRTGRLHTRFNQTATATGRLSSSDPNLQNIPVRTPLGQRIRRAFIAEEGWLLVALDYSQ
IELRVLAHLSGDENLIRVFQEGRDIHTETASWMFGVPREAVDPLMRRAAKTINFGVLYGMSAHRLSQELAIPYEEAQAFI
ERYFQSFPKVRAWIEKTLEEGRRRGYVETLFGRRRYVPDLEARVKSVREAAERMAFNMPVQGTAADLMKLAMVKLFPRLE
EMGARMLLQVHDELVLEAPKERAEAVARLAKEVMEGVYPLAVPLEVEVGIGEDWLSAKE
;
A
2 'polydeoxyribonucleotide' (DG)(DA)(DC)(DC)(DA)(DC)(DG)(DG)(DC)(DG)(DC)(DOC) B
3 'polydeoxyribonucleotide' (DA)(DA)(DA)(5FC)(DG)(DG)(DC)(DG)(DC)(DC)(DG)(DT)(DG)(DG)(DT)(DC) C
#
# COMPACT_ATOMS: atom_id res chain seq x y z
N LEU A 1 -36.11 13.03 -12.60
CA LEU A 1 -35.37 13.75 -13.67
C LEU A 1 -36.00 13.50 -15.03
N GLU A 2 -35.85 14.49 -15.92
CA GLU A 2 -36.36 14.37 -17.29
C GLU A 2 -35.46 13.41 -18.06
N GLU A 3 -36.06 12.40 -18.67
CA GLU A 3 -35.30 11.43 -19.45
C GLU A 3 -35.06 12.05 -20.81
N ALA A 4 -33.79 12.27 -21.13
CA ALA A 4 -33.38 12.96 -22.36
C ALA A 4 -32.52 12.05 -23.23
N PRO A 5 -32.55 12.26 -24.57
CA PRO A 5 -31.72 11.39 -25.42
C PRO A 5 -30.23 11.52 -25.19
N TRP A 6 -29.49 10.48 -25.59
CA TRP A 6 -28.06 10.42 -25.41
C TRP A 6 -27.22 11.03 -26.52
N PRO A 7 -26.86 12.29 -26.35
CA PRO A 7 -25.55 12.49 -25.75
C PRO A 7 -25.82 13.50 -24.62
N PRO A 8 -25.11 13.40 -23.49
CA PRO A 8 -25.26 14.46 -22.50
C PRO A 8 -24.43 15.69 -22.89
N PRO A 9 -24.73 16.85 -22.30
CA PRO A 9 -23.90 18.02 -22.55
C PRO A 9 -22.57 17.96 -21.78
N GLU A 10 -21.70 18.91 -22.07
CA GLU A 10 -20.43 19.12 -21.36
C GLU A 10 -20.62 19.15 -19.83
N GLY A 11 -19.69 18.52 -19.11
CA GLY A 11 -19.69 18.58 -17.63
C GLY A 11 -20.68 17.68 -16.90
N ALA A 12 -21.42 16.83 -17.61
CA ALA A 12 -22.42 15.94 -16.98
C ALA A 12 -21.77 14.92 -16.08
N PHE A 13 -22.51 14.46 -15.07
CA PHE A 13 -22.02 13.40 -14.16
C PHE A 13 -22.36 12.03 -14.75
N VAL A 14 -21.38 11.14 -14.76
CA VAL A 14 -21.55 9.81 -15.34
C VAL A 14 -21.92 8.79 -14.27
N GLY A 15 -22.66 7.78 -14.69
CA GLY A 15 -22.90 6.58 -13.89
C GLY A 15 -22.72 5.38 -14.79
N PHE A 16 -22.32 4.26 -14.22
CA PHE A 16 -22.00 3.07 -15.01
C PHE A 16 -21.99 1.83 -14.15
N VAL A 17 -22.26 0.70 -14.80
CA VAL A 17 -22.33 -0.61 -14.16
C VAL A 17 -21.35 -1.53 -14.87
N LEU A 18 -20.50 -2.20 -14.09
CA LEU A 18 -19.51 -3.16 -14.58
C LEU A 18 -19.94 -4.58 -14.20
N SER A 19 -19.61 -5.55 -15.05
CA SER A 19 -19.91 -6.95 -14.78
C SER A 19 -19.18 -7.46 -13.54
N ARG A 20 -18.06 -6.84 -13.22
CA ARG A 20 -17.25 -7.16 -12.08
C ARG A 20 -16.39 -5.93 -11.71
N LYS A 21 -15.81 -5.98 -10.53
CA LYS A 21 -15.14 -4.82 -9.95
C LYS A 21 -13.85 -4.37 -10.65
N GLU A 22 -13.13 -5.31 -11.27
CA GLU A 22 -11.85 -5.00 -11.92
C GLU A 22 -12.08 -4.33 -13.28
N PRO A 23 -11.77 -3.03 -13.43
CA PRO A 23 -12.09 -2.38 -14.71
C PRO A 23 -11.37 -2.97 -15.95
N MET A 24 -10.17 -3.53 -15.78
CA MET A 24 -9.46 -4.15 -16.91
C MET A 24 -10.11 -5.43 -17.42
N TRP A 25 -10.88 -6.09 -16.56
CA TRP A 25 -11.56 -7.35 -16.90
C TRP A 25 -13.06 -7.23 -17.09
N ALA A 26 -13.64 -6.07 -16.77
CA ALA A 26 -15.10 -5.89 -16.73
C ALA A 26 -15.74 -5.63 -18.09
N ASP A 27 -16.97 -6.13 -18.23
CA ASP A 27 -17.84 -5.76 -19.32
C ASP A 27 -18.61 -4.52 -18.83
N LEU A 28 -18.63 -3.47 -19.64
CA LEU A 28 -19.42 -2.26 -19.36
C LEU A 28 -20.88 -2.55 -19.69
N LEU A 29 -21.69 -2.82 -18.68
CA LEU A 29 -23.08 -3.24 -18.88
C LEU A 29 -24.02 -2.11 -19.22
N ALA A 30 -23.77 -0.93 -18.67
CA ALA A 30 -24.64 0.24 -18.92
C ALA A 30 -23.92 1.51 -18.55
N LEU A 31 -24.33 2.61 -19.17
CA LEU A 31 -23.68 3.89 -19.02
C LEU A 31 -24.78 4.94 -19.12
N ALA A 32 -24.73 5.93 -18.23
CA ALA A 32 -25.71 7.02 -18.23
C ALA A 32 -25.07 8.31 -17.72
N ALA A 33 -25.76 9.42 -17.89
CA ALA A 33 -25.27 10.71 -17.40
C ALA A 33 -26.39 11.62 -16.93
N ALA A 34 -26.05 12.52 -16.01
CA ALA A 34 -27.01 13.42 -15.38
C ALA A 34 -26.45 14.85 -15.33
N ARG A 35 -27.31 15.81 -15.67
CA ARG A 35 -26.98 17.22 -15.60
C ARG A 35 -28.22 18.07 -15.84
N GLY A 36 -28.33 19.19 -15.12
CA GLY A 36 -29.37 20.20 -15.37
C GLY A 36 -30.81 19.70 -15.37
N GLY A 37 -31.09 18.73 -14.51
CA GLY A 37 -32.45 18.18 -14.37
C GLY A 37 -32.80 17.08 -15.35
N ARG A 38 -31.82 16.57 -16.08
CA ARG A 38 -32.03 15.52 -17.07
C ARG A 38 -31.16 14.32 -16.77
N VAL A 39 -31.65 13.16 -17.19
CA VAL A 39 -30.87 11.93 -17.20
C VAL A 39 -30.82 11.45 -18.63
N HIS A 40 -29.64 11.02 -19.05
CA HIS A 40 -29.39 10.55 -20.41
C HIS A 40 -28.86 9.13 -20.29
N ARG A 41 -29.58 8.17 -20.86
CA ARG A 41 -29.16 6.77 -20.85
C ARG A 41 -28.63 6.39 -22.22
N ALA A 42 -27.43 5.81 -22.24
CA ALA A 42 -26.78 5.38 -23.47
C ALA A 42 -27.42 4.10 -24.01
N PRO A 43 -27.87 4.10 -25.28
CA PRO A 43 -28.43 2.85 -25.84
C PRO A 43 -27.43 1.68 -25.92
N GLU A 44 -26.20 1.95 -26.34
CA GLU A 44 -25.13 0.97 -26.31
C GLU A 44 -23.93 1.63 -25.59
N PRO A 45 -23.61 1.17 -24.37
CA PRO A 45 -22.57 1.84 -23.56
C PRO A 45 -21.17 1.98 -24.19
N TYR A 46 -20.68 0.96 -24.88
CA TYR A 46 -19.33 1.05 -25.47
C TYR A 46 -19.21 2.18 -26.51
N LYS A 47 -20.13 2.23 -27.47
CA LYS A 47 -20.15 3.33 -28.44
C LYS A 47 -20.30 4.69 -27.76
N ALA A 48 -21.21 4.75 -26.80
CA ALA A 48 -21.49 5.98 -26.06
C ALA A 48 -20.28 6.55 -25.29
N LEU A 49 -19.34 5.69 -24.88
CA LEU A 49 -18.09 6.15 -24.27
C LEU A 49 -17.37 7.23 -25.08
N ARG A 50 -17.46 7.13 -26.40
CA ARG A 50 -16.79 8.07 -27.31
C ARG A 50 -17.29 9.52 -27.19
N ASP A 51 -18.53 9.70 -26.76
CA ASP A 51 -19.14 11.03 -26.67
C ASP A 51 -18.71 11.85 -25.46
N LEU A 52 -18.08 11.22 -24.47
CA LEU A 52 -17.68 11.90 -23.23
C LEU A 52 -16.25 12.39 -23.33
N LYS A 53 -15.99 13.58 -22.81
CA LYS A 53 -14.62 14.15 -22.79
C LYS A 53 -13.92 13.95 -21.44
N GLU A 54 -14.68 13.61 -20.39
CA GLU A 54 -14.13 13.29 -19.08
C GLU A 54 -15.07 12.36 -18.34
N ALA A 55 -14.51 11.58 -17.42
CA ALA A 55 -15.30 10.73 -16.53
C ALA A 55 -15.46 11.48 -15.21
N ARG A 56 -16.68 11.93 -14.93
CA ARG A 56 -16.96 12.77 -13.80
C ARG A 56 -18.07 12.12 -12.98
N GLY A 57 -17.74 11.61 -11.79
CA GLY A 57 -18.74 10.95 -10.95
C GLY A 57 -18.13 9.92 -10.03
N LEU A 58 -19.00 9.13 -9.39
CA LEU A 58 -18.55 8.09 -8.46
C LEU A 58 -17.71 7.08 -9.19
N LEU A 59 -16.57 6.72 -8.58
CA LEU A 59 -15.61 5.75 -9.15
C LEU A 59 -15.12 6.10 -10.56
N ALA A 60 -14.96 7.40 -10.82
CA ALA A 60 -14.51 7.92 -12.10
C ALA A 60 -13.26 7.22 -12.65
N LYS A 61 -12.25 7.01 -11.81
CA LYS A 61 -11.03 6.34 -12.24
C LYS A 61 -11.35 4.98 -12.90
N ASP A 62 -12.22 4.19 -12.26
CA ASP A 62 -12.56 2.87 -12.81
C ASP A 62 -13.06 2.93 -14.24
N LEU A 63 -13.98 3.86 -14.53
CA LEU A 63 -14.47 4.05 -15.89
C LEU A 63 -13.34 4.53 -16.81
N SER A 64 -12.47 5.41 -16.31
CA SER A 64 -11.35 5.90 -17.11
CA SER A 64 -11.34 5.91 -17.11
C SER A 64 -10.41 4.77 -17.53
N VAL A 65 -10.17 3.83 -16.62
CA VAL A 65 -9.32 2.67 -16.90
C VAL A 65 -9.97 1.81 -18.01
N LEU A 66 -11.27 1.57 -17.93
CA LEU A 66 -11.93 0.76 -18.94
C LEU A 66 -11.90 1.48 -20.28
N ALA A 67 -12.08 2.80 -20.26
CA ALA A 67 -11.96 3.61 -21.48
C ALA A 67 -10.56 3.50 -22.12
N LEU A 68 -9.52 3.67 -21.30
CA LEU A 68 -8.13 3.49 -21.74
C LEU A 68 -7.87 2.08 -22.33
N ARG A 69 -8.48 1.07 -21.73
CA ARG A 69 -8.40 -0.29 -22.24
C ARG A 69 -8.99 -0.40 -23.67
N GLU A 70 -10.04 0.38 -23.93
CA GLU A 70 -10.66 0.48 -25.25
C GLU A 70 -10.02 1.54 -26.17
N GLY A 71 -8.87 2.08 -25.81
CA GLY A 71 -8.17 3.03 -26.67
C GLY A 71 -8.74 4.44 -26.67
N LEU A 72 -9.44 4.82 -25.61
CA LEU A 72 -10.01 6.15 -25.49
C LEU A 72 -9.31 6.91 -24.39
N GLY A 73 -9.03 8.20 -24.65
CA GLY A 73 -8.44 9.10 -23.66
C GLY A 73 -9.54 9.85 -22.93
N LEU A 74 -10.08 9.23 -21.89
CA LEU A 74 -11.20 9.76 -21.13
C LEU A 74 -10.75 9.98 -19.67
N PRO A 75 -10.14 11.12 -19.37
CA PRO A 75 -9.54 11.27 -18.04
C PRO A 75 -10.58 11.40 -16.92
N PRO A 76 -10.28 10.86 -15.73
CA PRO A 76 -11.20 11.01 -14.63
C PRO A 76 -11.13 12.45 -14.07
N GLY A 77 -12.29 12.99 -13.72
CA GLY A 77 -12.41 14.33 -13.17
C GLY A 77 -12.92 14.27 -11.74
N ASP A 78 -13.90 15.10 -11.42
CA ASP A 78 -14.49 15.10 -10.08
C ASP A 78 -15.07 13.73 -9.73
N ASP A 79 -14.81 13.32 -8.48
CA ASP A 79 -15.35 12.08 -7.90
C ASP A 79 -15.78 12.42 -6.45
N PRO A 80 -17.09 12.35 -6.16
CA PRO A 80 -17.56 12.51 -4.78
C PRO A 80 -16.88 11.58 -3.76
N MET A 81 -16.46 10.38 -4.17
CA MET A 81 -15.69 9.49 -3.25
C MET A 81 -14.43 10.14 -2.69
N LEU A 82 -13.74 10.92 -3.51
CA LEU A 82 -12.51 11.58 -3.09
C LEU A 82 -12.82 12.72 -2.16
N LEU A 83 -13.93 13.42 -2.39
CA LEU A 83 -14.37 14.47 -1.47
C LEU A 83 -14.71 13.85 -0.13
N ALA A 84 -15.49 12.78 -0.17
CA ALA A 84 -15.90 12.09 1.05
C ALA A 84 -14.72 11.51 1.83
N TYR A 85 -13.77 10.95 1.10
CA TYR A 85 -12.57 10.37 1.70
C TYR A 85 -11.66 11.39 2.36
N LEU A 86 -11.57 12.59 1.77
CA LEU A 86 -10.88 13.70 2.43
C LEU A 86 -11.63 14.25 3.65
N LEU A 87 -12.97 14.26 3.61
CA LEU A 87 -13.77 14.62 4.80
C LEU A 87 -13.55 13.65 5.95
N ASP A 88 -13.51 12.35 5.64
CA ASP A 88 -13.32 11.32 6.66
C ASP A 88 -12.90 10.06 5.92
N PRO A 89 -11.68 9.56 6.16
CA PRO A 89 -11.21 8.42 5.36
C PRO A 89 -11.82 7.07 5.73
N SER A 90 -12.72 7.03 6.72
CA SER A 90 -13.60 5.85 6.86
C SER A 90 -14.66 5.81 5.76
N ASN A 91 -14.81 6.90 5.00
CA ASN A 91 -15.58 6.90 3.76
C ASN A 91 -14.80 6.21 2.66
N THR A 92 -14.95 4.89 2.57
CA THR A 92 -14.20 4.06 1.62
C THR A 92 -15.05 3.37 0.53
N THR A 93 -16.38 3.27 0.71
CA THR A 93 -17.23 2.61 -0.27
C THR A 93 -18.35 3.51 -0.77
N PRO A 94 -18.76 3.36 -2.04
CA PRO A 94 -19.94 4.12 -2.49
C PRO A 94 -21.25 3.80 -1.72
N GLU A 95 -21.38 2.57 -1.22
CA GLU A 95 -22.56 2.19 -0.41
C GLU A 95 -22.70 3.12 0.78
N GLY A 96 -21.61 3.23 1.53
CA GLY A 96 -21.54 4.07 2.72
C GLY A 96 -21.65 5.54 2.43
N VAL A 97 -20.89 6.01 1.43
CA VAL A 97 -20.88 7.43 1.12
C VAL A 97 -22.29 7.89 0.72
N ALA A 98 -22.96 7.07 -0.10
CA ALA A 98 -24.34 7.36 -0.53
C ALA A 98 -25.30 7.47 0.66
N ARG A 99 -25.26 6.48 1.55
CA ARG A 99 -26.10 6.50 2.75
C ARG A 99 -25.83 7.74 3.60
N ARG A 100 -24.56 8.09 3.76
CA ARG A 100 -24.18 9.19 4.65
C ARG A 100 -24.52 10.59 4.10
N TYR A 101 -24.46 10.77 2.78
CA TYR A 101 -24.48 12.11 2.18
C TYR A 101 -25.63 12.39 1.19
N GLY A 102 -26.59 11.47 1.08
CA GLY A 102 -27.91 11.82 0.53
C GLY A 102 -28.47 10.98 -0.59
N GLY A 103 -28.14 9.69 -0.64
CA GLY A 103 -28.79 8.77 -1.57
C GLY A 103 -28.60 7.30 -1.31
N GLU A 104 -28.89 6.49 -2.32
CA GLU A 104 -28.68 5.05 -2.27
C GLU A 104 -27.87 4.63 -3.48
N TRP A 105 -26.87 3.80 -3.25
CA TRP A 105 -26.05 3.22 -4.32
C TRP A 105 -26.70 1.96 -4.86
N THR A 106 -27.26 2.03 -6.06
CA THR A 106 -28.01 0.90 -6.64
C THR A 106 -27.18 0.21 -7.72
N GLU A 107 -27.82 -0.53 -8.61
CA GLU A 107 -27.14 -1.21 -9.70
C GLU A 107 -27.64 -0.73 -11.06
N GLU A 108 -28.10 0.53 -11.13
CA GLU A 108 -28.62 1.10 -12.37
C GLU A 108 -27.80 2.35 -12.71
N ALA A 109 -27.31 2.42 -13.94
CA ALA A 109 -26.39 3.49 -14.37
C ALA A 109 -27.01 4.87 -14.20
N GLY A 110 -28.25 4.99 -14.64
CA GLY A 110 -29.05 6.20 -14.48
C GLY A 110 -29.06 6.74 -13.06
N GLU A 111 -29.38 5.87 -12.11
CA GLU A 111 -29.50 6.25 -10.70
C GLU A 111 -28.12 6.56 -10.15
N ARG A 112 -27.11 5.80 -10.55
CA ARG A 112 -25.73 6.11 -10.20
C ARG A 112 -25.26 7.46 -10.74
N ALA A 113 -25.70 7.84 -11.96
CA ALA A 113 -25.38 9.14 -12.53
C ALA A 113 -26.04 10.29 -11.72
N ALA A 114 -27.34 10.14 -11.47
CA ALA A 114 -28.11 11.13 -10.68
C ALA A 114 -27.60 11.23 -9.25
N LEU A 115 -27.22 10.09 -8.67
CA LEU A 115 -26.60 10.04 -7.35
C LEU A 115 -25.26 10.78 -7.32
N SER A 116 -24.41 10.53 -8.32
CA SER A 116 -23.13 11.23 -8.43
C SER A 116 -23.33 12.76 -8.44
N GLU A 117 -24.33 13.23 -9.20
CA GLU A 117 -24.64 14.65 -9.27
C GLU A 117 -25.04 15.25 -7.93
N ARG A 118 -25.96 14.57 -7.23
CA ARG A 118 -26.48 15.12 -5.98
C ARG A 118 -25.50 14.92 -4.82
N LEU A 119 -24.77 13.80 -4.81
CA LEU A 119 -23.69 13.62 -3.84
C LEU A 119 -22.58 14.66 -4.03
N PHE A 120 -22.23 14.99 -5.27
CA PHE A 120 -21.18 16.01 -5.49
C PHE A 120 -21.60 17.38 -4.93
N ALA A 121 -22.84 17.79 -5.21
CA ALA A 121 -23.36 19.06 -4.71
C ALA A 121 -23.27 19.12 -3.18
N ASN A 122 -23.71 18.05 -2.52
CA ASN A 122 -23.75 18.02 -1.06
C ASN A 122 -22.35 18.01 -0.44
N LEU A 123 -21.51 17.11 -0.91
CA LEU A 123 -20.11 17.03 -0.45
C LEU A 123 -19.27 18.26 -0.76
N TRP A 124 -19.51 18.88 -1.93
CA TRP A 124 -18.92 20.17 -2.24
C TRP A 124 -19.33 21.20 -1.15
N GLY A 125 -20.61 21.21 -0.79
CA GLY A 125 -21.10 22.05 0.32
C GLY A 125 -20.36 21.84 1.64
N ARG A 126 -20.12 20.58 1.99
CA ARG A 126 -19.43 20.24 3.24
C ARG A 126 -17.98 20.70 3.28
N LEU A 127 -17.35 20.79 2.12
CA LEU A 127 -15.96 21.22 2.03
C LEU A 127 -15.77 22.72 1.86
N GLU A 128 -16.86 23.50 1.80
CA GLU A 128 -16.74 24.96 1.75
C GLU A 128 -16.09 25.46 3.04
N GLY A 129 -15.04 26.27 2.90
CA GLY A 129 -14.26 26.76 4.04
C GLY A 129 -13.19 25.80 4.55
N GLU A 130 -13.13 24.59 4.00
CA GLU A 130 -12.11 23.61 4.38
C GLU A 130 -11.00 23.73 3.37
N GLU A 131 -10.25 24.83 3.44
CA GLU A 131 -9.30 25.19 2.39
C GLU A 131 -8.14 24.21 2.21
N ARG A 132 -7.70 23.60 3.31
CA ARG A 132 -6.60 22.65 3.23
C ARG A 132 -7.05 21.34 2.59
N LEU A 133 -8.22 20.86 2.95
CA LEU A 133 -8.82 19.70 2.30
C LEU A 133 -9.11 19.95 0.81
N LEU A 134 -9.60 21.15 0.50
CA LEU A 134 -9.76 21.59 -0.90
C LEU A 134 -8.44 21.59 -1.68
N TRP A 135 -7.37 22.06 -1.05
CA TRP A 135 -6.05 22.03 -1.67
C TRP A 135 -5.62 20.58 -1.98
N LEU A 136 -5.83 19.69 -1.02
CA LEU A 136 -5.55 18.28 -1.23
C LEU A 136 -6.37 17.69 -2.37
N TYR A 137 -7.64 18.07 -2.46
CA TYR A 137 -8.49 17.59 -3.52
C TYR A 137 -7.99 18.07 -4.89
N ARG A 138 -7.76 19.37 -5.01
CA ARG A 138 -7.38 19.98 -6.31
C ARG A 138 -5.95 19.68 -6.75
N GLU A 139 -5.01 19.67 -5.81
CA GLU A 139 -3.60 19.50 -6.14
C GLU A 139 -3.05 18.07 -5.99
N VAL A 140 -3.75 17.19 -5.29
CA VAL A 140 -3.26 15.82 -5.07
C VAL A 140 -4.26 14.79 -5.59
N GLU A 141 -5.40 14.64 -4.92
CA GLU A 141 -6.28 13.50 -5.15
C GLU A 141 -6.93 13.47 -6.53
N ARG A 142 -7.51 14.61 -6.94
CA ARG A 142 -8.14 14.67 -8.26
C ARG A 142 -7.14 14.40 -9.41
N PRO A 143 -6.01 15.13 -9.47
CA PRO A 143 -5.02 14.81 -10.52
C PRO A 143 -4.36 13.44 -10.36
N LEU A 144 -4.17 12.98 -9.12
CA LEU A 144 -3.67 11.61 -8.90
C LEU A 144 -4.55 10.56 -9.54
N SER A 145 -5.86 10.72 -9.49
CA SER A 145 -6.78 9.74 -10.08
C SER A 145 -6.50 9.47 -11.56
N ALA A 146 -6.14 10.52 -12.31
CA ALA A 146 -5.79 10.39 -13.72
C ALA A 146 -4.48 9.65 -13.91
N VAL A 147 -3.50 9.89 -13.04
CA VAL A 147 -2.22 9.17 -13.08
C VAL A 147 -2.44 7.67 -12.82
N LEU A 148 -3.24 7.35 -11.80
CA LEU A 148 -3.47 5.95 -11.43
C LEU A 148 -4.20 5.21 -12.54
N ALA A 149 -5.15 5.89 -13.19
CA ALA A 149 -5.85 5.31 -14.34
C ALA A 149 -4.88 4.83 -15.41
N HIS A 150 -3.92 5.67 -15.77
CA HIS A 150 -2.87 5.29 -16.71
C HIS A 150 -2.00 4.13 -16.24
N MET A 151 -1.59 4.15 -14.97
CA MET A 151 -0.77 3.10 -14.41
C MET A 151 -1.53 1.77 -14.46
N GLU A 152 -2.79 1.81 -14.06
CA GLU A 152 -3.61 0.61 -14.08
C GLU A 152 -3.73 0.02 -15.48
N ALA A 153 -3.92 0.87 -16.48
CA ALA A 153 -4.16 0.41 -17.85
C ALA A 153 -2.88 -0.05 -18.57
N THR A 154 -1.74 0.39 -18.08
CA THR A 154 -0.45 0.01 -18.66
C THR A 154 -0.02 -1.38 -18.25
N GLY A 155 -0.19 -1.69 -16.96
CA GLY A 155 0.23 -2.98 -16.40
C GLY A 155 1.72 -3.19 -16.40
N VAL A 156 2.15 -4.40 -16.04
CA VAL A 156 3.56 -4.76 -15.94
C VAL A 156 3.80 -6.09 -16.64
N ARG A 157 4.99 -6.28 -17.21
CA ARG A 157 5.31 -7.52 -17.91
C ARG A 157 5.77 -8.55 -16.90
N LEU A 158 5.33 -9.80 -17.10
CA LEU A 158 5.67 -10.91 -16.23
C LEU A 158 6.24 -12.07 -17.02
N ASP A 159 7.35 -12.63 -16.55
CA ASP A 159 7.90 -13.84 -17.12
C ASP A 159 7.08 -15.07 -16.68
N VAL A 160 6.03 -15.34 -17.46
CA VAL A 160 5.05 -16.40 -17.18
C VAL A 160 5.69 -17.80 -17.19
N ALA A 161 6.47 -18.10 -18.21
CA ALA A 161 7.08 -19.42 -18.35
C ALA A 161 8.03 -19.72 -17.19
N TYR A 162 8.79 -18.70 -16.79
CA TYR A 162 9.69 -18.78 -15.63
C TYR A 162 8.95 -19.19 -14.35
N LEU A 163 7.81 -18.57 -14.10
CA LEU A 163 7.02 -18.88 -12.92
C LEU A 163 6.38 -20.25 -12.99
N ARG A 164 5.97 -20.67 -14.19
CA ARG A 164 5.43 -22.02 -14.37
C ARG A 164 6.50 -23.07 -14.12
N ALA A 165 7.72 -22.81 -14.61
CA ALA A 165 8.84 -23.68 -14.30
C ALA A 165 9.09 -23.72 -12.80
N LEU A 166 9.10 -22.55 -12.17
CA LEU A 166 9.37 -22.46 -10.73
C LEU A 166 8.35 -23.23 -9.91
N SER A 167 7.08 -23.12 -10.29
CA SER A 167 6.03 -23.88 -9.64
C SER A 167 6.30 -25.40 -9.52
N LEU A 168 6.78 -26.00 -10.61
CA LEU A 168 7.05 -27.45 -10.62
C LEU A 168 8.16 -27.83 -9.65
N GLU A 169 9.22 -27.02 -9.62
CA GLU A 169 10.34 -27.22 -8.68
C GLU A 169 9.88 -27.05 -7.24
N VAL A 170 9.13 -25.99 -6.98
CA VAL A 170 8.66 -25.69 -5.62
C VAL A 170 7.70 -26.80 -5.10
N ALA A 171 6.86 -27.33 -5.99
CA ALA A 171 5.96 -28.46 -5.65
C ALA A 171 6.74 -29.68 -5.15
N GLU A 172 7.84 -30.03 -5.83
CA GLU A 172 8.66 -31.16 -5.38
C GLU A 172 9.27 -30.93 -4.00
N GLU A 173 9.74 -29.72 -3.72
CA GLU A 173 10.31 -29.40 -2.42
C GLU A 173 9.26 -29.37 -1.31
N ILE A 174 8.06 -28.90 -1.63
CA ILE A 174 6.94 -28.96 -0.68
C ILE A 174 6.62 -30.41 -0.32
N ALA A 175 6.63 -31.29 -1.32
CA ALA A 175 6.38 -32.72 -1.07
C ALA A 175 7.44 -33.33 -0.12
N ARG A 176 8.70 -32.91 -0.30
CA ARG A 176 9.81 -33.39 0.55
C ARG A 176 9.59 -32.92 1.99
N LEU A 177 9.16 -31.67 2.17
CA LEU A 177 8.95 -31.12 3.50
C LEU A 177 7.74 -31.74 4.20
N GLU A 178 6.64 -31.89 3.48
CA GLU A 178 5.43 -32.44 4.10
C GLU A 178 5.62 -33.89 4.46
N ALA A 179 6.38 -34.63 3.64
CA ALA A 179 6.67 -36.03 3.90
C ALA A 179 7.46 -36.20 5.20
N GLU A 180 8.46 -35.33 5.42
CA GLU A 180 9.22 -35.34 6.67
C GLU A 180 8.38 -34.93 7.87
N VAL A 181 7.54 -33.90 7.73
CA VAL A 181 6.62 -33.52 8.82
C VAL A 181 5.72 -34.69 9.22
N PHE A 182 5.13 -35.36 8.23
CA PHE A 182 4.23 -36.49 8.52
C PHE A 182 4.94 -37.67 9.19
N ARG A 183 6.22 -37.87 8.85
CA ARG A 183 7.01 -38.89 9.53
C ARG A 183 7.25 -38.50 11.00
N LEU A 184 7.64 -37.25 11.23
CA LEU A 184 7.89 -36.75 12.59
C LEU A 184 6.61 -36.77 13.45
N ALA A 185 5.50 -36.40 12.84
CA ALA A 185 4.20 -36.48 13.52
C ALA A 185 3.80 -37.92 13.82
N GLY A 186 4.29 -38.86 13.01
CA GLY A 186 3.94 -40.27 13.13
C GLY A 186 2.70 -40.61 12.32
N HIS A 187 2.14 -39.63 11.62
CA HIS A 187 0.94 -39.82 10.80
C HIS A 187 0.71 -38.58 9.92
N PRO A 188 -0.07 -38.73 8.82
CA PRO A 188 -0.38 -37.59 7.98
C PRO A 188 -1.61 -36.81 8.48
N PHE A 189 -1.69 -35.57 8.06
CA PHE A 189 -2.80 -34.68 8.43
C PHE A 189 -2.77 -33.49 7.47
N ASN A 190 -3.75 -32.59 7.54
CA ASN A 190 -3.68 -31.39 6.72
C ASN A 190 -2.75 -30.38 7.37
N LEU A 191 -1.56 -30.27 6.81
CA LEU A 191 -0.56 -29.36 7.29
C LEU A 191 -0.89 -27.88 7.03
N ASN A 192 -1.83 -27.63 6.10
CA ASN A 192 -2.36 -26.29 5.88
C ASN A 192 -3.42 -25.87 6.87
N SER A 193 -3.95 -26.82 7.65
CA SER A 193 -4.92 -26.52 8.70
C SER A 193 -4.18 -26.26 9.99
N ARG A 194 -4.17 -24.99 10.41
CA ARG A 194 -3.56 -24.62 11.67
C ARG A 194 -4.26 -25.22 12.89
N ASP A 195 -5.55 -25.56 12.77
CA ASP A 195 -6.26 -26.30 13.85
C ASP A 195 -5.71 -27.71 14.00
N GLN A 196 -5.56 -28.41 12.87
CA GLN A 196 -4.96 -29.75 12.89
C GLN A 196 -3.52 -29.69 13.37
N LEU A 197 -2.76 -28.70 12.93
CA LEU A 197 -1.38 -28.53 13.37
C LEU A 197 -1.26 -28.28 14.88
N GLU A 198 -2.16 -27.46 15.40
CA GLU A 198 -2.23 -27.16 16.85
C GLU A 198 -2.27 -28.41 17.69
N ARG A 199 -3.20 -29.31 17.36
CA ARG A 199 -3.33 -30.60 18.03
C ARG A 199 -2.04 -31.41 17.97
N VAL A 200 -1.48 -31.51 16.77
CA VAL A 200 -0.25 -32.27 16.60
C VAL A 200 0.85 -31.69 17.49
N LEU A 201 1.07 -30.38 17.41
CA LEU A 201 2.22 -29.75 18.08
C LEU A 201 2.13 -29.76 19.59
N PHE A 202 0.97 -29.38 20.13
CA PHE A 202 0.80 -29.14 21.56
C PHE A 202 0.15 -30.26 22.36
N ASP A 203 -0.64 -31.11 21.69
CA ASP A 203 -1.29 -32.26 22.34
C ASP A 203 -0.54 -33.56 22.08
N GLU A 204 -0.39 -33.95 20.82
CA GLU A 204 0.25 -35.22 20.47
C GLU A 204 1.74 -35.19 20.77
N LEU A 205 2.42 -34.14 20.34
CA LEU A 205 3.76 -33.86 20.82
C LEU A 205 3.58 -33.06 22.12
N GLY A 206 4.68 -32.76 22.79
CA GLY A 206 4.60 -32.17 24.13
C GLY A 206 5.00 -30.71 24.18
N LEU A 207 4.96 -30.03 23.04
CA LEU A 207 5.64 -28.75 22.91
C LEU A 207 4.85 -27.67 23.64
N PRO A 208 5.54 -26.66 24.21
CA PRO A 208 4.83 -25.66 25.00
C PRO A 208 4.12 -24.65 24.08
N ALA A 209 2.84 -24.40 24.38
CA ALA A 209 2.05 -23.38 23.70
C ALA A 209 2.40 -21.99 24.24
N ILE A 210 3.14 -21.20 23.46
CA ILE A 210 3.66 -19.91 23.91
C ILE A 210 2.58 -18.82 23.98
N GLY A 211 1.59 -18.88 23.09
CA GLY A 211 0.57 -17.83 23.01
C GLY A 211 -0.77 -18.23 22.43
N LYS A 212 -1.71 -17.28 22.49
CA LYS A 212 -3.11 -17.51 22.13
C LYS A 212 -3.54 -16.58 21.01
N THR A 213 -4.50 -17.03 20.22
CA THR A 213 -5.03 -16.26 19.09
C THR A 213 -6.09 -15.28 19.58
N GLU A 214 -6.28 -14.21 18.82
CA GLU A 214 -7.00 -13.03 19.30
C GLU A 214 -8.49 -13.27 19.49
N LYS A 215 -9.18 -13.65 18.42
CA LYS A 215 -10.65 -13.77 18.44
C LYS A 215 -11.16 -15.03 19.11
N THR A 216 -10.50 -16.16 18.91
CA THR A 216 -11.02 -17.45 19.40
C THR A 216 -10.19 -18.10 20.50
N GLY A 217 -9.04 -17.54 20.85
CA GLY A 217 -8.24 -18.07 21.96
C GLY A 217 -7.64 -19.45 21.75
N LYS A 218 -7.40 -19.84 20.49
CA LYS A 218 -6.69 -21.09 20.21
C LYS A 218 -5.19 -20.92 20.50
N ARG A 219 -4.48 -22.03 20.73
CA ARG A 219 -3.01 -21.97 20.85
C ARG A 219 -2.40 -21.65 19.50
N SER A 220 -1.62 -20.57 19.43
CA SER A 220 -1.12 -20.04 18.16
C SER A 220 -0.02 -20.93 17.57
N THR A 221 -0.01 -21.02 16.24
CA THR A 221 1.03 -21.71 15.49
C THR A 221 1.78 -20.73 14.59
N SER A 222 1.76 -19.43 14.93
CA SER A 222 2.39 -18.42 14.12
C SER A 222 3.91 -18.57 14.13
N ALA A 223 4.56 -17.94 13.15
CA ALA A 223 6.02 -18.04 13.01
C ALA A 223 6.73 -17.51 14.24
N ALA A 224 6.16 -16.47 14.86
CA ALA A 224 6.73 -15.91 16.09
C ALA A 224 6.79 -16.94 17.21
N VAL A 225 5.70 -17.68 17.39
CA VAL A 225 5.62 -18.79 18.36
C VAL A 225 6.55 -19.94 18.01
N LEU A 226 6.54 -20.34 16.74
CA LEU A 226 7.33 -21.49 16.29
C LEU A 226 8.83 -21.18 16.25
N GLU A 227 9.18 -19.92 16.02
CA GLU A 227 10.55 -19.43 16.10
C GLU A 227 11.15 -19.72 17.48
N ALA A 228 10.34 -19.58 18.53
CA ALA A 228 10.76 -19.90 19.91
C ALA A 228 11.04 -21.40 20.16
N LEU A 229 10.46 -22.28 19.33
CA LEU A 229 10.62 -23.73 19.44
C LEU A 229 11.45 -24.29 18.28
N ARG A 230 12.40 -23.51 17.76
CA ARG A 230 13.05 -23.86 16.48
C ARG A 230 13.92 -25.12 16.49
N GLU A 231 14.50 -25.45 17.66
CA GLU A 231 15.05 -26.80 17.90
C GLU A 231 14.55 -27.45 19.20
N ALA A 232 13.39 -26.99 19.70
CA ALA A 232 12.55 -27.80 20.60
C ALA A 232 12.04 -29.04 19.87
N HIS A 233 12.03 -28.99 18.53
CA HIS A 233 11.99 -30.19 17.72
C HIS A 233 12.45 -29.93 16.27
N PRO A 234 12.88 -30.99 15.55
CA PRO A 234 13.17 -30.83 14.12
C PRO A 234 11.92 -30.61 13.23
N ILE A 235 10.75 -31.01 13.72
CA ILE A 235 9.49 -30.84 12.98
C ILE A 235 9.12 -29.36 12.77
N VAL A 236 9.49 -28.50 13.70
CA VAL A 236 9.17 -27.08 13.65
C VAL A 236 9.93 -26.41 12.51
N GLU A 237 11.21 -26.75 12.39
CA GLU A 237 12.05 -26.32 11.27
C GLU A 237 11.41 -26.63 9.92
N LYS A 238 10.95 -27.87 9.78
CA LYS A 238 10.28 -28.30 8.56
C LYS A 238 8.98 -27.55 8.33
N ILE A 239 8.22 -27.32 9.41
CA ILE A 239 6.94 -26.60 9.31
C ILE A 239 7.15 -25.19 8.82
N LEU A 240 8.13 -24.48 9.37
CA LEU A 240 8.43 -23.10 8.94
C LEU A 240 8.87 -23.02 7.47
N GLN A 241 9.69 -23.97 7.03
CA GLN A 241 10.07 -24.04 5.62
C GLN A 241 8.86 -24.34 4.75
N TYR A 242 8.02 -25.28 5.18
CA TYR A 242 6.78 -25.60 4.46
C TYR A 242 5.89 -24.36 4.32
N ARG A 243 5.76 -23.58 5.41
CA ARG A 243 4.95 -22.36 5.43
C ARG A 243 5.44 -21.34 4.43
N GLU A 244 6.76 -21.14 4.37
CA GLU A 244 7.31 -20.17 3.42
C GLU A 244 6.97 -20.59 1.99
N LEU A 245 7.29 -21.84 1.67
CA LEU A 245 7.14 -22.33 0.31
C LEU A 245 5.66 -22.29 -0.14
N THR A 246 4.76 -22.77 0.71
CA THR A 246 3.32 -22.80 0.37
C THR A 246 2.70 -21.42 0.27
N LYS A 247 3.14 -20.48 1.12
CA LYS A 247 2.67 -19.09 1.08
C LYS A 247 3.02 -18.49 -0.28
N LEU A 248 4.28 -18.66 -0.68
CA LEU A 248 4.78 -18.05 -1.91
C LEU A 248 4.17 -18.70 -3.15
N LYS A 249 4.01 -20.02 -3.12
CA LYS A 249 3.45 -20.74 -4.27
C LYS A 249 1.98 -20.40 -4.47
N SER A 250 1.20 -20.42 -3.39
CA SER A 250 -0.26 -20.24 -3.50
C SER A 250 -0.68 -18.77 -3.65
N THR A 251 0.15 -17.83 -3.18
CA THR A 251 -0.15 -16.40 -3.28
C THR A 251 0.42 -15.76 -4.56
N TYR A 252 1.61 -16.19 -5.01
CA TYR A 252 2.28 -15.51 -6.11
C TYR A 252 2.58 -16.41 -7.30
N ILE A 253 3.29 -17.50 -7.07
CA ILE A 253 3.81 -18.34 -8.17
C ILE A 253 2.68 -18.88 -9.05
N ASP A 254 1.62 -19.42 -8.43
CA ASP A 254 0.51 -20.00 -9.18
C ASP A 254 -0.55 -19.01 -9.72
N PRO A 255 -1.03 -18.04 -8.90
CA PRO A 255 -2.08 -17.14 -9.37
C PRO A 255 -1.66 -16.14 -10.45
N LEU A 256 -0.48 -15.54 -10.30
CA LEU A 256 -0.07 -14.43 -11.17
C LEU A 256 0.01 -14.78 -12.68
N PRO A 257 0.59 -15.94 -13.03
CA PRO A 257 0.62 -16.23 -14.46
C PRO A 257 -0.77 -16.30 -15.12
N ASP A 258 -1.81 -16.66 -14.36
CA ASP A 258 -3.17 -16.76 -14.91
C ASP A 258 -3.92 -15.45 -15.02
N LEU A 259 -3.29 -14.34 -14.62
CA LEU A 259 -3.91 -13.01 -14.63
C LEU A 259 -3.39 -12.12 -15.77
N ILE A 260 -2.68 -12.72 -16.73
CA ILE A 260 -2.19 -11.96 -17.87
C ILE A 260 -3.37 -11.61 -18.75
N HIS A 261 -3.48 -10.34 -19.10
CA HIS A 261 -4.62 -9.85 -19.86
C HIS A 261 -4.39 -10.19 -21.36
N PRO A 262 -5.41 -10.72 -22.08
CA PRO A 262 -5.21 -11.12 -23.50
C PRO A 262 -4.87 -9.99 -24.48
N ARG A 263 -5.47 -8.82 -24.32
CA ARG A 263 -5.17 -7.67 -25.19
C ARG A 263 -3.80 -7.04 -24.95
N THR A 264 -3.37 -6.92 -23.70
CA THR A 264 -2.13 -6.20 -23.38
C THR A 264 -0.91 -7.13 -23.24
N GLY A 265 -1.14 -8.39 -22.89
CA GLY A 265 -0.04 -9.31 -22.56
C GLY A 265 0.65 -8.99 -21.25
N ARG A 266 -0.04 -8.23 -20.40
CA ARG A 266 0.54 -7.71 -19.18
C ARG A 266 -0.37 -7.95 -17.98
N LEU A 267 0.22 -7.77 -16.80
CA LEU A 267 -0.45 -7.98 -15.52
C LEU A 267 -0.94 -6.63 -14.99
N HIS A 268 -2.23 -6.52 -14.62
CA HIS A 268 -2.84 -5.25 -14.24
C HIS A 268 -3.41 -5.26 -12.83
N THR A 269 -2.88 -4.37 -12.00
CA THR A 269 -3.40 -4.18 -10.65
C THR A 269 -4.39 -3.02 -10.63
N ARG A 270 -5.05 -2.86 -9.48
CA ARG A 270 -5.91 -1.72 -9.22
C ARG A 270 -5.27 -0.92 -8.11
N PHE A 271 -5.11 0.38 -8.26
CA PHE A 271 -4.64 1.26 -7.18
C PHE A 271 -5.82 1.96 -6.52
N ASN A 272 -6.12 1.55 -5.29
CA ASN A 272 -7.32 1.96 -4.59
C ASN A 272 -7.00 3.23 -3.85
N GLN A 273 -7.77 4.27 -4.14
CA GLN A 273 -7.48 5.62 -3.72
C GLN A 273 -8.20 6.05 -2.45
N THR A 274 -9.25 5.34 -2.07
CA THR A 274 -10.03 5.65 -0.87
C THR A 274 -10.15 4.42 0.00
N ALA A 275 -9.02 3.85 0.36
CA ALA A 275 -8.98 2.53 1.02
C ALA A 275 -8.29 2.49 2.37
N THR A 276 -7.49 3.48 2.73
CA THR A 276 -6.75 3.44 3.97
C THR A 276 -7.10 4.61 4.88
N ALA A 277 -6.92 4.37 6.17
CA ALA A 277 -7.19 5.39 7.20
C ALA A 277 -6.14 6.51 7.25
N THR A 278 -4.97 6.28 6.67
CA THR A 278 -3.86 7.23 6.72
C THR A 278 -3.63 8.04 5.44
N GLY A 279 -4.32 7.68 4.35
CA GLY A 279 -4.06 8.34 3.04
C GLY A 279 -3.10 7.60 2.11
N ARG A 280 -2.57 6.47 2.54
CA ARG A 280 -1.84 5.59 1.63
C ARG A 280 -2.80 5.06 0.58
N LEU A 281 -2.24 4.70 -0.57
CA LEU A 281 -2.94 3.90 -1.55
C LEU A 281 -2.95 2.45 -1.08
N SER A 282 -3.82 1.65 -1.68
CA SER A 282 -3.69 0.19 -1.63
C SER A 282 -3.68 -0.36 -3.06
N SER A 283 -3.36 -1.65 -3.16
CA SER A 283 -3.30 -2.34 -4.44
C SER A 283 -4.00 -3.69 -4.29
N SER A 284 -4.82 -4.06 -5.26
CA SER A 284 -5.60 -5.28 -5.20
C SER A 284 -5.85 -5.85 -6.59
N ASP A 285 -6.22 -7.12 -6.60
CA ASP A 285 -6.75 -7.80 -7.80
C ASP A 285 -5.79 -8.02 -8.97
N PRO A 286 -4.49 -7.92 -8.69
CA PRO A 286 -3.76 -8.70 -7.69
C PRO A 286 -3.06 -7.58 -6.90
N ASN A 287 -2.77 -7.79 -5.62
CA ASN A 287 -1.94 -6.85 -4.87
C ASN A 287 -0.51 -6.91 -5.41
N LEU A 288 -0.02 -5.82 -5.97
CA LEU A 288 1.38 -5.74 -6.42
C LEU A 288 2.27 -4.92 -5.48
N GLN A 289 1.74 -4.54 -4.32
CA GLN A 289 2.52 -3.85 -3.28
C GLN A 289 3.10 -4.81 -2.23
N ASN A 290 2.86 -6.11 -2.39
CA ASN A 290 3.44 -7.10 -1.49
C ASN A 290 4.09 -8.29 -2.22
N ILE A 291 4.63 -8.03 -3.40
CA ILE A 291 5.42 -9.02 -4.10
C ILE A 291 6.65 -9.30 -3.24
N PRO A 292 7.04 -10.60 -3.09
CA PRO A 292 8.18 -10.95 -2.25
C PRO A 292 9.48 -10.29 -2.66
N VAL A 293 10.31 -10.02 -1.66
CA VAL A 293 11.64 -9.47 -1.87
C VAL A 293 12.72 -10.03 -0.92
N ARG A 294 12.32 -10.59 0.21
CA ARG A 294 13.19 -10.79 1.36
C ARG A 294 13.98 -12.10 1.31
N THR A 295 13.31 -13.24 1.15
CA THR A 295 13.97 -14.55 1.15
C THR A 295 14.52 -14.89 -0.23
N PRO A 296 15.43 -15.88 -0.32
CA PRO A 296 15.92 -16.30 -1.64
C PRO A 296 14.81 -16.73 -2.63
N LEU A 297 13.80 -17.47 -2.18
CA LEU A 297 12.67 -17.81 -3.06
C LEU A 297 11.86 -16.57 -3.41
N GLY A 298 11.67 -15.68 -2.45
CA GLY A 298 11.00 -14.41 -2.73
C GLY A 298 11.71 -13.61 -3.81
N GLN A 299 13.03 -13.54 -3.70
CA GLN A 299 13.86 -12.85 -4.70
C GLN A 299 13.69 -13.45 -6.10
N ARG A 300 13.68 -14.79 -6.16
CA ARG A 300 13.40 -15.50 -7.42
C ARG A 300 12.07 -15.06 -8.02
N ILE A 301 11.03 -14.94 -7.19
CA ILE A 301 9.70 -14.51 -7.67
C ILE A 301 9.71 -13.09 -8.23
N ARG A 302 10.35 -12.19 -7.49
CA ARG A 302 10.46 -10.80 -7.92
C ARG A 302 11.17 -10.61 -9.30
N ARG A 303 12.13 -11.47 -9.60
CA ARG A 303 12.76 -11.50 -10.91
C ARG A 303 11.81 -11.75 -12.09
N ALA A 304 10.61 -12.29 -11.85
CA ALA A 304 9.60 -12.46 -12.89
C ALA A 304 9.02 -11.14 -13.40
N PHE A 305 9.19 -10.05 -12.64
CA PHE A 305 8.68 -8.73 -13.04
C PHE A 305 9.77 -8.04 -13.84
N ILE A 306 9.54 -7.96 -15.15
CA ILE A 306 10.56 -7.60 -16.14
C ILE A 306 10.12 -6.42 -17.02
N ALA A 307 11.09 -5.83 -17.71
CA ALA A 307 10.82 -4.78 -18.67
C ALA A 307 10.40 -5.36 -20.02
N GLU A 308 9.55 -4.62 -20.73
CA GLU A 308 9.35 -4.77 -22.17
C GLU A 308 10.72 -4.81 -22.89
N GLU A 309 10.84 -5.71 -23.86
CA GLU A 309 11.98 -5.71 -24.79
C GLU A 309 12.24 -4.29 -25.37
N GLY A 310 13.48 -3.84 -25.29
CA GLY A 310 13.83 -2.46 -25.65
C GLY A 310 13.62 -1.42 -24.56
N TRP A 311 13.12 -1.84 -23.39
CA TRP A 311 12.90 -0.95 -22.23
C TRP A 311 13.70 -1.44 -21.02
N LEU A 312 13.79 -0.59 -20.01
CA LEU A 312 14.35 -0.95 -18.69
C LEU A 312 13.42 -0.47 -17.57
N LEU A 313 13.36 -1.24 -16.49
CA LEU A 313 12.68 -0.79 -15.27
C LEU A 313 13.59 0.19 -14.54
N VAL A 314 12.97 1.19 -13.94
CA VAL A 314 13.65 2.16 -13.11
C VAL A 314 12.87 2.15 -11.81
N ALA A 315 13.54 1.77 -10.73
CA ALA A 315 12.97 1.70 -9.39
C ALA A 315 13.59 2.76 -8.49
N LEU A 316 12.73 3.53 -7.83
CA LEU A 316 13.12 4.66 -6.98
C LEU A 316 12.44 4.52 -5.61
N ASP A 317 13.21 4.60 -4.53
CA ASP A 317 12.73 4.33 -3.18
C ASP A 317 13.28 5.38 -2.24
N TYR A 318 12.39 6.08 -1.53
CA TYR A 318 12.80 7.13 -0.59
C TYR A 318 13.56 6.51 0.57
N SER A 319 14.62 7.17 0.98
CA SER A 319 15.45 6.73 2.08
C SER A 319 14.82 7.07 3.43
N GLN A 320 14.66 6.07 4.31
CA GLN A 320 14.28 6.28 5.72
C GLN A 320 13.12 7.26 5.87
N ILE A 321 12.09 7.07 5.06
CA ILE A 321 11.18 8.17 4.79
C ILE A 321 10.41 8.65 6.03
N GLU A 322 9.80 7.75 6.81
CA GLU A 322 9.02 8.21 7.96
C GLU A 322 9.84 8.84 9.08
N LEU A 323 11.12 8.48 9.18
CA LEU A 323 12.03 9.11 10.13
C LEU A 323 12.34 10.55 9.71
N ARG A 324 12.52 10.79 8.41
CA ARG A 324 12.72 12.14 7.90
C ARG A 324 11.48 13.01 8.15
N VAL A 325 10.32 12.43 7.84
CA VAL A 325 9.04 13.10 8.10
C VAL A 325 8.87 13.47 9.58
N LEU A 326 9.28 12.56 10.47
CA LEU A 326 9.20 12.77 11.92
C LEU A 326 10.10 13.93 12.34
N ALA A 327 11.27 14.01 11.75
CA ALA A 327 12.16 15.16 11.96
C ALA A 327 11.46 16.47 11.59
N HIS A 328 10.81 16.50 10.43
CA HIS A 328 10.07 17.70 10.03
C HIS A 328 8.91 18.01 11.00
N LEU A 329 8.07 17.01 11.26
CA LEU A 329 6.85 17.23 12.06
C LEU A 329 7.12 17.64 13.51
N SER A 330 8.09 16.96 14.14
CA SER A 330 8.46 17.22 15.52
C SER A 330 9.32 18.47 15.65
N GLY A 331 10.11 18.73 14.61
CA GLY A 331 11.10 19.80 14.66
C GLY A 331 12.23 19.50 15.62
N ASP A 332 12.54 18.23 15.83
CA ASP A 332 13.61 17.82 16.75
C ASP A 332 14.97 18.17 16.16
N GLU A 333 15.74 18.99 16.86
CA GLU A 333 17.03 19.49 16.38
C GLU A 333 18.00 18.34 16.09
N ASN A 334 18.07 17.38 17.01
CA ASN A 334 19.01 16.26 16.91
C ASN A 334 18.70 15.32 15.76
N LEU A 335 17.41 15.02 15.56
CA LEU A 335 17.02 14.13 14.48
C LEU A 335 17.21 14.83 13.12
N ILE A 336 16.89 16.12 13.06
CA ILE A 336 17.17 16.94 11.89
C ILE A 336 18.67 16.90 11.56
N ARG A 337 19.53 16.97 12.58
CA ARG A 337 20.97 16.92 12.36
C ARG A 337 21.46 15.59 11.80
N VAL A 338 20.82 14.50 12.21
CA VAL A 338 21.21 13.15 11.76
C VAL A 338 21.10 13.01 10.24
N PHE A 339 20.04 13.58 9.66
CA PHE A 339 19.81 13.52 8.21
C PHE A 339 20.59 14.59 7.44
N GLN A 340 20.86 15.73 8.07
CA GLN A 340 21.81 16.70 7.50
C GLN A 340 23.24 16.14 7.42
N GLU A 341 23.60 15.20 8.30
CA GLU A 341 24.91 14.54 8.29
C GLU A 341 25.00 13.30 7.38
N GLY A 342 23.90 12.92 6.73
CA GLY A 342 23.89 11.75 5.84
C GLY A 342 24.07 10.42 6.57
N ARG A 343 23.55 10.34 7.80
CA ARG A 343 23.61 9.12 8.59
C ARG A 343 22.39 8.25 8.28
N ASP A 344 22.54 6.94 8.52
CA ASP A 344 21.50 5.96 8.25
C ASP A 344 21.18 5.16 9.52
N ILE A 345 20.01 5.44 10.10
CA ILE A 345 19.59 4.88 11.38
C ILE A 345 19.34 3.37 11.23
N HIS A 346 18.70 2.95 10.14
CA HIS A 346 18.47 1.52 9.89
C HIS A 346 19.78 0.75 9.93
N THR A 347 20.77 1.22 9.16
CA THR A 347 22.10 0.60 9.15
C THR A 347 22.79 0.63 10.51
N GLU A 348 22.62 1.74 11.23
CA GLU A 348 23.20 1.91 12.56
C GLU A 348 22.64 0.88 13.54
N THR A 349 21.32 0.70 13.51
CA THR A 349 20.66 -0.29 14.36
C THR A 349 21.09 -1.71 13.98
N ALA A 350 21.10 -2.02 12.69
CA ALA A 350 21.55 -3.33 12.20
C ALA A 350 22.94 -3.67 12.68
N SER A 351 23.85 -2.70 12.51
CA SER A 351 25.23 -2.83 12.93
C SER A 351 25.32 -3.11 14.43
N TRP A 352 24.54 -2.36 15.21
CA TRP A 352 24.43 -2.56 16.66
C TRP A 352 23.87 -3.96 17.01
N MET A 353 22.66 -4.25 16.52
CA MET A 353 21.96 -5.54 16.75
C MET A 353 22.76 -6.80 16.52
N PHE A 354 23.41 -6.86 15.35
CA PHE A 354 24.11 -8.06 14.90
C PHE A 354 25.60 -8.04 15.23
N GLY A 355 26.08 -6.92 15.79
CA GLY A 355 27.46 -6.80 16.23
C GLY A 355 28.49 -6.92 15.11
N VAL A 356 28.19 -6.29 13.98
CA VAL A 356 29.11 -6.27 12.83
C VAL A 356 29.26 -4.84 12.31
N PRO A 357 30.39 -4.53 11.63
CA PRO A 357 30.51 -3.17 11.08
C PRO A 357 29.51 -2.89 9.97
N ARG A 358 29.35 -1.62 9.63
CA ARG A 358 28.30 -1.18 8.72
C ARG A 358 28.43 -1.89 7.37
N GLU A 359 29.68 -2.03 6.91
CA GLU A 359 29.97 -2.70 5.63
CA GLU A 359 30.01 -2.72 5.64
C GLU A 359 29.44 -4.14 5.52
N ALA A 360 29.28 -4.82 6.65
CA ALA A 360 28.79 -6.21 6.67
C ALA A 360 27.27 -6.36 6.82
N VAL A 361 26.55 -5.24 6.90
CA VAL A 361 25.09 -5.27 7.06
C VAL A 361 24.44 -5.66 5.74
N ASP A 362 23.76 -6.81 5.73
CA ASP A 362 23.08 -7.33 4.52
C ASP A 362 21.61 -6.89 4.49
N PRO A 363 20.91 -7.11 3.36
CA PRO A 363 19.49 -6.77 3.27
C PRO A 363 18.60 -7.38 4.35
N LEU A 364 18.82 -8.65 4.69
CA LEU A 364 18.06 -9.31 5.77
C LEU A 364 18.22 -8.54 7.09
N MET A 365 19.46 -8.18 7.42
CA MET A 365 19.74 -7.48 8.66
C MET A 365 19.09 -6.10 8.69
N ARG A 366 19.08 -5.43 7.55
CA ARG A 366 18.47 -4.11 7.44
C ARG A 366 16.96 -4.16 7.71
N ARG A 367 16.29 -5.18 7.17
CA ARG A 367 14.84 -5.35 7.40
C ARG A 367 14.52 -5.61 8.88
N ALA A 368 15.37 -6.41 9.54
CA ALA A 368 15.26 -6.65 10.98
C ALA A 368 15.39 -5.33 11.77
N ALA A 369 16.35 -4.49 11.34
CA ALA A 369 16.60 -3.21 11.97
C ALA A 369 15.43 -2.24 11.79
N LYS A 370 14.77 -2.31 10.64
CA LYS A 370 13.57 -1.50 10.41
C LYS A 370 12.47 -1.80 11.41
N THR A 371 12.28 -3.09 11.69
CA THR A 371 11.25 -3.51 12.65
C THR A 371 11.53 -2.94 14.04
N ILE A 372 12.81 -2.90 14.41
CA ILE A 372 13.18 -2.37 15.72
C ILE A 372 12.89 -0.88 15.77
N ASN A 373 13.40 -0.13 14.80
CA ASN A 373 13.28 1.33 14.79
C ASN A 373 11.84 1.82 14.74
N PHE A 374 11.05 1.27 13.82
CA PHE A 374 9.65 1.68 13.72
C PHE A 374 8.82 1.13 14.89
N GLY A 375 9.10 -0.12 15.27
CA GLY A 375 8.52 -0.71 16.47
C GLY A 375 8.67 0.18 17.68
N VAL A 376 9.91 0.55 17.96
CA VAL A 376 10.23 1.40 19.11
C VAL A 376 9.49 2.73 18.98
N LEU A 377 9.54 3.34 17.80
CA LEU A 377 8.94 4.65 17.59
C LEU A 377 7.44 4.64 17.84
N TYR A 378 6.77 3.66 17.24
CA TYR A 378 5.33 3.62 17.30
C TYR A 378 4.79 2.81 18.51
N GLY A 379 5.60 2.67 19.55
CA GLY A 379 5.13 2.28 20.89
C GLY A 379 5.28 0.82 21.29
N MET A 380 6.18 0.10 20.64
CA MET A 380 6.45 -1.29 21.02
C MET A 380 6.83 -1.35 22.49
N SER A 381 6.37 -2.39 23.19
CA SER A 381 6.71 -2.55 24.61
C SER A 381 8.15 -3.03 24.78
N ALA A 382 8.72 -2.70 25.93
CA ALA A 382 10.02 -3.22 26.34
C ALA A 382 10.01 -4.75 26.34
N HIS A 383 8.93 -5.33 26.87
CA HIS A 383 8.78 -6.79 26.92
CA HIS A 383 8.82 -6.79 26.93
C HIS A 383 8.93 -7.42 25.53
N ARG A 384 8.23 -6.85 24.54
CA ARG A 384 8.37 -7.37 23.17
C ARG A 384 9.72 -7.03 22.54
N LEU A 385 10.24 -5.85 22.84
CA LEU A 385 11.55 -5.45 22.30
C LEU A 385 12.65 -6.40 22.77
N SER A 386 12.66 -6.71 24.08
CA SER A 386 13.61 -7.67 24.66
C SER A 386 13.57 -9.04 23.99
N GLN A 387 12.38 -9.45 23.56
CA GLN A 387 12.20 -10.71 22.82
C GLN A 387 12.73 -10.62 21.40
N GLU A 388 12.35 -9.57 20.68
CA GLU A 388 12.81 -9.35 19.30
C GLU A 388 14.34 -9.30 19.23
N LEU A 389 14.92 -8.42 20.04
CA LEU A 389 16.39 -8.27 20.11
C LEU A 389 17.11 -9.46 20.78
N ALA A 390 16.37 -10.27 21.54
CA ALA A 390 16.90 -11.49 22.20
C ALA A 390 17.95 -11.14 23.26
N ILE A 391 17.59 -10.17 24.10
CA ILE A 391 18.46 -9.64 25.15
C ILE A 391 17.60 -9.38 26.39
N PRO A 392 18.21 -9.03 27.54
CA PRO A 392 17.39 -8.85 28.75
C PRO A 392 16.39 -7.69 28.71
N TYR A 393 15.44 -7.74 29.63
CA TYR A 393 14.55 -6.61 29.93
C TYR A 393 15.40 -5.61 30.69
N GLU A 394 15.27 -4.32 30.37
CA GLU A 394 16.36 -3.31 30.57
C GLU A 394 17.62 -3.80 29.85
N GLU A 395 18.24 -2.90 29.11
CA GLU A 395 18.88 -3.19 27.82
C GLU A 395 17.80 -2.85 26.80
N ALA A 396 16.65 -3.55 26.88
CA ALA A 396 15.48 -3.23 26.06
C ALA A 396 14.84 -1.90 26.46
N GLN A 397 14.51 -1.74 27.74
CA GLN A 397 13.97 -0.48 28.23
C GLN A 397 15.00 0.66 28.11
N ALA A 398 16.27 0.35 28.38
CA ALA A 398 17.36 1.31 28.18
C ALA A 398 17.52 1.72 26.72
N PHE A 399 17.31 0.76 25.80
CA PHE A 399 17.28 1.04 24.35
C PHE A 399 16.20 2.09 24.05
N ILE A 400 15.01 1.91 24.62
CA ILE A 400 13.88 2.82 24.42
C ILE A 400 14.18 4.22 24.97
N GLU A 401 14.90 4.32 26.09
CA GLU A 401 15.29 5.63 26.63
C GLU A 401 16.45 6.26 25.87
N ARG A 402 17.45 5.45 25.53
CA ARG A 402 18.54 5.87 24.62
C ARG A 402 17.99 6.45 23.32
N TYR A 403 17.00 5.79 22.75
CA TYR A 403 16.32 6.28 21.57
C TYR A 403 15.60 7.61 21.82
N PHE A 404 14.71 7.64 22.81
CA PHE A 404 13.84 8.81 23.02
C PHE A 404 14.52 10.04 23.63
N GLN A 405 15.56 9.83 24.43
CA GLN A 405 16.35 10.96 24.95
C GLN A 405 17.26 11.57 23.87
N SER A 406 17.80 10.74 22.98
CA SER A 406 18.51 11.24 21.80
C SER A 406 17.67 12.27 21.03
N PHE A 407 16.35 12.06 21.00
CA PHE A 407 15.45 12.91 20.22
C PHE A 407 14.28 13.41 21.09
N PRO A 408 14.57 14.32 22.04
CA PRO A 408 13.59 14.73 23.07
C PRO A 408 12.27 15.33 22.56
N LYS A 409 12.29 16.08 21.47
CA LYS A 409 11.05 16.73 20.97
C LYS A 409 10.06 15.79 20.23
N VAL A 410 10.46 14.54 20.02
CA VAL A 410 9.54 13.52 19.45
C VAL A 410 8.39 13.25 20.44
N ARG A 411 8.74 12.93 21.69
CA ARG A 411 7.75 12.68 22.75
C ARG A 411 6.79 13.85 22.93
N ALA A 412 7.34 15.07 22.92
CA ALA A 412 6.52 16.28 23.01
C ALA A 412 5.57 16.40 21.82
N TRP A 413 6.05 16.07 20.63
CA TRP A 413 5.19 16.02 19.45
C TRP A 413 4.10 14.93 19.61
N ILE A 414 4.49 13.75 20.09
CA ILE A 414 3.51 12.70 20.34
C ILE A 414 2.40 13.19 21.26
N GLU A 415 2.78 13.81 22.37
CA GLU A 415 1.80 14.29 23.34
C GLU A 415 0.94 15.43 22.81
N LYS A 416 1.55 16.32 22.02
CA LYS A 416 0.80 17.41 21.36
C LYS A 416 -0.22 16.82 20.37
N THR A 417 0.25 15.87 19.56
CA THR A 417 -0.59 15.15 18.61
C THR A 417 -1.82 14.53 19.31
N LEU A 418 -1.58 13.83 20.40
CA LEU A 418 -2.67 13.20 21.17
C LEU A 418 -3.67 14.17 21.81
N GLU A 419 -3.20 15.31 22.31
CA GLU A 419 -4.13 16.31 22.89
C GLU A 419 -5.02 16.97 21.84
N GLU A 420 -4.47 17.28 20.66
CA GLU A 420 -5.29 17.76 19.54
C GLU A 420 -6.36 16.73 19.17
N GLY A 421 -5.94 15.46 19.08
CA GLY A 421 -6.84 14.36 18.76
C GLY A 421 -7.97 14.16 19.75
N ARG A 422 -7.65 14.24 21.02
CA ARG A 422 -8.66 14.20 22.09
C ARG A 422 -9.64 15.37 22.00
N ARG A 423 -9.14 16.54 21.64
CA ARG A 423 -9.95 17.75 21.63
C ARG A 423 -10.80 17.90 20.38
N ARG A 424 -10.17 17.79 19.21
CA ARG A 424 -10.87 17.94 17.93
C ARG A 424 -11.53 16.65 17.44
N GLY A 425 -11.09 15.49 17.97
CA GLY A 425 -11.61 14.20 17.53
C GLY A 425 -10.87 13.61 16.32
N TYR A 426 -9.90 14.35 15.78
CA TYR A 426 -9.09 13.89 14.66
C TYR A 426 -7.65 14.39 14.80
N VAL A 427 -6.76 13.71 14.09
CA VAL A 427 -5.37 14.11 13.92
C VAL A 427 -5.16 14.38 12.44
N GLU A 428 -4.03 15.00 12.11
CA GLU A 428 -3.81 15.40 10.73
C GLU A 428 -2.37 15.33 10.30
N THR A 429 -2.19 15.19 8.99
CA THR A 429 -0.88 15.19 8.34
C THR A 429 -0.42 16.64 8.20
N LEU A 430 0.81 16.80 7.71
CA LEU A 430 1.36 18.11 7.39
C LEU A 430 0.43 18.94 6.49
N PHE A 431 -0.23 18.29 5.54
CA PHE A 431 -1.10 18.97 4.59
C PHE A 431 -2.55 19.06 5.01
N GLY A 432 -2.89 18.61 6.22
CA GLY A 432 -4.24 18.70 6.75
C GLY A 432 -5.15 17.54 6.38
N ARG A 433 -4.59 16.43 5.89
CA ARG A 433 -5.34 15.20 5.77
C ARG A 433 -5.69 14.75 7.18
N ARG A 434 -6.95 14.39 7.40
CA ARG A 434 -7.47 14.07 8.73
C ARG A 434 -7.78 12.58 8.88
N ARG A 435 -7.57 12.07 10.09
CA ARG A 435 -8.14 10.79 10.50
C ARG A 435 -8.82 11.01 11.85
N TYR A 436 -10.10 10.67 11.91
CA TYR A 436 -10.87 10.73 13.13
C TYR A 436 -10.53 9.52 13.99
N VAL A 437 -10.03 9.76 15.19
CA VAL A 437 -9.70 8.68 16.12
C VAL A 437 -10.55 8.85 17.37
N PRO A 438 -11.70 8.17 17.41
CA PRO A 438 -12.69 8.47 18.45
C PRO A 438 -12.32 8.00 19.84
N ASP A 439 -11.56 6.89 19.95
CA ASP A 439 -11.39 6.22 21.25
C ASP A 439 -10.24 6.75 22.14
N LEU A 440 -9.70 7.94 21.84
CA LEU A 440 -8.59 8.49 22.62
C LEU A 440 -8.91 8.83 24.09
N GLU A 441 -10.19 8.95 24.44
CA GLU A 441 -10.61 9.03 25.84
C GLU A 441 -11.47 7.82 26.25
N ALA A 442 -11.20 6.64 25.66
CA ALA A 442 -11.83 5.39 26.11
C ALA A 442 -11.35 5.09 27.53
N ARG A 443 -12.24 4.52 28.34
CA ARG A 443 -11.95 4.19 29.75
C ARG A 443 -11.25 2.84 29.94
N VAL A 444 -11.09 2.07 28.86
CA VAL A 444 -10.37 0.79 28.88
C VAL A 444 -8.97 1.05 28.33
N LYS A 445 -7.95 0.69 29.13
CA LYS A 445 -6.58 1.06 28.82
C LYS A 445 -6.08 0.50 27.49
N SER A 446 -6.26 -0.80 27.28
CA SER A 446 -5.80 -1.43 26.04
C SER A 446 -6.43 -0.78 24.79
N VAL A 447 -7.71 -0.42 24.87
CA VAL A 447 -8.41 0.21 23.75
C VAL A 447 -7.94 1.66 23.57
N ARG A 448 -7.79 2.39 24.67
CA ARG A 448 -7.29 3.76 24.62
C ARG A 448 -5.86 3.82 24.06
N GLU A 449 -4.99 2.93 24.53
CA GLU A 449 -3.58 2.92 24.12
C GLU A 449 -3.42 2.48 22.67
N ALA A 450 -4.23 1.52 22.22
CA ALA A 450 -4.28 1.12 20.81
C ALA A 450 -4.64 2.32 19.91
N ALA A 451 -5.69 3.05 20.31
CA ALA A 451 -6.12 4.24 19.61
C ALA A 451 -5.05 5.33 19.57
N GLU A 452 -4.32 5.46 20.68
CA GLU A 452 -3.18 6.39 20.76
C GLU A 452 -2.09 6.08 19.71
N ARG A 453 -1.70 4.80 19.61
CA ARG A 453 -0.65 4.39 18.67
C ARG A 453 -1.11 4.60 17.22
N MET A 454 -2.37 4.31 16.93
CA MET A 454 -3.01 4.61 15.64
C MET A 454 -2.95 6.12 15.35
N ALA A 455 -3.35 6.91 16.35
CA ALA A 455 -3.47 8.35 16.20
C ALA A 455 -2.13 9.03 15.93
N PHE A 456 -1.07 8.70 16.68
CA PHE A 456 0.21 9.40 16.43
C PHE A 456 1.03 8.82 15.27
N ASN A 457 0.69 7.61 14.81
CA ASN A 457 1.30 7.07 13.59
C ASN A 457 0.83 7.81 12.34
N MET A 458 -0.45 8.14 12.26
CA MET A 458 -1.07 8.65 11.05
C MET A 458 -0.48 9.93 10.48
N PRO A 459 -0.24 10.97 11.30
CA PRO A 459 0.41 12.16 10.73
C PRO A 459 1.72 11.85 10.02
N VAL A 460 2.46 10.86 10.52
CA VAL A 460 3.76 10.50 9.95
C VAL A 460 3.61 9.67 8.68
N GLN A 461 2.85 8.58 8.76
CA GLN A 461 2.65 7.70 7.62
C GLN A 461 1.86 8.42 6.54
N GLY A 462 0.88 9.22 6.96
CA GLY A 462 0.06 10.00 6.08
C GLY A 462 0.79 11.13 5.37
N THR A 463 1.72 11.80 6.06
CA THR A 463 2.52 12.85 5.42
C THR A 463 3.42 12.24 4.34
N ALA A 464 4.07 11.12 4.67
CA ALA A 464 4.86 10.36 3.70
C ALA A 464 4.01 9.98 2.46
N ALA A 465 2.78 9.55 2.70
CA ALA A 465 1.87 9.21 1.62
C ALA A 465 1.49 10.41 0.77
N ASP A 466 1.21 11.55 1.43
CA ASP A 466 0.96 12.82 0.75
C ASP A 466 2.14 13.22 -0.15
N LEU A 467 3.35 13.14 0.38
CA LEU A 467 4.56 13.47 -0.39
C LEU A 467 4.66 12.64 -1.66
N MET A 468 4.55 11.33 -1.51
CA MET A 468 4.59 10.39 -2.65
C MET A 468 3.49 10.68 -3.67
N LYS A 469 2.28 11.00 -3.21
CA LYS A 469 1.17 11.28 -4.13
C LYS A 469 1.42 12.57 -4.93
N LEU A 470 1.91 13.59 -4.24
CA LEU A 470 2.27 14.85 -4.89
C LEU A 470 3.40 14.65 -5.91
N ALA A 471 4.38 13.84 -5.54
CA ALA A 471 5.51 13.53 -6.44
C ALA A 471 5.01 12.80 -7.70
N MET A 472 4.05 11.93 -7.53
CA MET A 472 3.47 11.20 -8.64
C MET A 472 2.79 12.18 -9.58
N VAL A 473 2.04 13.13 -9.02
CA VAL A 473 1.28 14.10 -9.84
C VAL A 473 2.25 14.95 -10.68
N LYS A 474 3.35 15.39 -10.07
CA LYS A 474 4.34 16.20 -10.74
C LYS A 474 5.15 15.43 -11.77
N LEU A 475 5.49 14.18 -11.44
CA LEU A 475 6.36 13.37 -12.28
C LEU A 475 5.65 12.89 -13.55
N PHE A 476 4.39 12.46 -13.44
CA PHE A 476 3.68 11.86 -14.59
C PHE A 476 3.76 12.63 -15.92
N PRO A 477 3.50 13.97 -15.92
CA PRO A 477 3.61 14.70 -17.18
C PRO A 477 5.03 14.73 -17.77
N ARG A 478 6.03 14.76 -16.90
CA ARG A 478 7.40 14.79 -17.35
C ARG A 478 7.77 13.44 -17.99
N LEU A 479 7.21 12.35 -17.48
CA LEU A 479 7.52 11.02 -18.01
C LEU A 479 6.95 10.84 -19.39
N GLU A 480 5.69 11.22 -19.59
CA GLU A 480 5.07 11.06 -20.92
C GLU A 480 5.68 11.96 -22.00
N GLU A 481 6.25 13.11 -21.63
CA GLU A 481 7.11 13.91 -22.53
C GLU A 481 8.31 13.11 -23.05
N MET A 482 8.91 12.32 -22.15
CA MET A 482 10.10 11.51 -22.47
C MET A 482 9.78 10.11 -22.98
N GLY A 483 8.51 9.80 -23.21
CA GLY A 483 8.11 8.46 -23.65
C GLY A 483 8.31 7.37 -22.61
N ALA A 484 8.27 7.73 -21.31
CA ALA A 484 8.40 6.77 -20.22
C ALA A 484 7.04 6.50 -19.57
N ARG A 485 6.94 5.40 -18.83
CA ARG A 485 5.70 5.00 -18.17
C ARG A 485 5.89 4.89 -16.65
N MET A 486 4.85 5.23 -15.90
CA MET A 486 4.79 4.91 -14.47
C MET A 486 4.05 3.57 -14.34
N LEU A 487 4.64 2.60 -13.66
CA LEU A 487 4.01 1.28 -13.56
C LEU A 487 3.39 1.02 -12.20
N LEU A 488 4.20 1.19 -11.15
CA LEU A 488 3.79 0.83 -9.82
C LEU A 488 4.19 1.89 -8.80
N GLN A 489 3.31 2.06 -7.80
CA GLN A 489 3.63 2.69 -6.54
C GLN A 489 3.59 1.63 -5.42
N VAL A 490 4.63 1.63 -4.59
CA VAL A 490 4.76 0.75 -3.43
C VAL A 490 5.08 1.60 -2.19
N HIS A 491 4.15 2.50 -1.89
CA HIS A 491 4.13 3.35 -0.69
C HIS A 491 5.17 4.46 -0.68
N ASP A 492 6.45 4.13 -0.66
CA ASP A 492 7.51 5.14 -0.80
C ASP A 492 8.43 4.85 -1.99
N GLU A 493 7.92 4.03 -2.92
CA GLU A 493 8.69 3.56 -4.05
C GLU A 493 7.83 3.71 -5.29
N LEU A 494 8.50 4.03 -6.41
CA LEU A 494 7.90 4.01 -7.73
C LEU A 494 8.69 3.10 -8.67
N VAL A 495 7.98 2.35 -9.49
CA VAL A 495 8.60 1.58 -10.56
C VAL A 495 8.11 2.14 -11.88
N LEU A 496 9.05 2.58 -12.69
CA LEU A 496 8.83 3.15 -14.01
C LEU A 496 9.37 2.17 -15.05
N GLU A 497 8.91 2.34 -16.28
CA GLU A 497 9.47 1.65 -17.43
C GLU A 497 9.94 2.75 -18.37
N ALA A 498 11.16 2.66 -18.89
CA ALA A 498 11.70 3.65 -19.80
C ALA A 498 12.31 2.99 -21.03
N PRO A 499 12.19 3.61 -22.21
CA PRO A 499 12.96 3.15 -23.35
C PRO A 499 14.45 3.12 -22.99
N LYS A 500 15.16 2.08 -23.43
CA LYS A 500 16.58 1.91 -23.08
C LYS A 500 17.41 3.16 -23.33
N GLU A 501 17.18 3.82 -24.45
CA GLU A 501 17.91 5.03 -24.81
C GLU A 501 17.68 6.23 -23.88
N ARG A 502 16.56 6.25 -23.18
CA ARG A 502 16.21 7.36 -22.29
C ARG A 502 16.21 7.01 -20.80
N ALA A 503 16.50 5.75 -20.45
CA ALA A 503 16.38 5.27 -19.06
C ALA A 503 17.22 6.06 -18.06
N GLU A 504 18.47 6.37 -18.42
CA GLU A 504 19.34 7.10 -17.48
C GLU A 504 18.85 8.53 -17.24
N ALA A 505 18.39 9.19 -18.30
CA ALA A 505 17.79 10.52 -18.17
C ALA A 505 16.53 10.47 -17.31
N VAL A 506 15.69 9.46 -17.53
CA VAL A 506 14.46 9.27 -16.74
C VAL A 506 14.76 9.08 -15.25
N ALA A 507 15.77 8.26 -14.95
CA ALA A 507 16.16 7.97 -13.57
C ALA A 507 16.58 9.25 -12.85
N ARG A 508 17.48 10.00 -13.48
CA ARG A 508 17.94 11.28 -12.90
C ARG A 508 16.79 12.25 -12.68
N LEU A 509 15.92 12.40 -13.69
CA LEU A 509 14.81 13.33 -13.55
C LEU A 509 13.83 12.91 -12.45
N ALA A 510 13.44 11.64 -12.47
CA ALA A 510 12.50 11.10 -11.49
C ALA A 510 13.04 11.23 -10.08
N LYS A 511 14.32 10.93 -9.89
CA LYS A 511 15.02 11.16 -8.61
C LYS A 511 14.87 12.61 -8.10
N GLU A 512 15.14 13.58 -8.97
CA GLU A 512 15.08 14.98 -8.57
C GLU A 512 13.65 15.43 -8.28
N VAL A 513 12.67 14.97 -9.06
CA VAL A 513 11.29 15.31 -8.79
C VAL A 513 10.90 14.79 -7.39
N MET A 514 11.25 13.53 -7.13
CA MET A 514 10.92 12.90 -5.85
C MET A 514 11.59 13.59 -4.66
N GLU A 515 12.85 13.97 -4.83
CA GLU A 515 13.60 14.63 -3.75
C GLU A 515 13.11 16.05 -3.45
N GLY A 516 12.70 16.79 -4.47
CA GLY A 516 12.27 18.19 -4.30
C GLY A 516 10.77 18.40 -4.28
N VAL A 517 10.00 17.34 -4.07
CA VAL A 517 8.53 17.44 -4.14
C VAL A 517 7.95 18.56 -3.24
N TYR A 518 8.47 18.67 -2.02
CA TYR A 518 7.97 19.60 -1.00
C TYR A 518 9.06 19.67 0.04
N PRO A 519 10.02 20.58 -0.12
CA PRO A 519 11.17 20.63 0.77
C PRO A 519 10.80 20.72 2.25
N LEU A 520 11.56 20.00 3.07
CA LEU A 520 11.37 19.94 4.50
C LEU A 520 12.63 20.44 5.17
N ALA A 521 12.52 20.72 6.46
CA ALA A 521 13.65 20.90 7.39
C ALA A 521 14.80 19.87 7.29
N VAL A 522 14.55 18.73 6.65
CA VAL A 522 15.62 17.80 6.29
C VAL A 522 15.53 17.45 4.81
N PRO A 523 16.64 17.02 4.20
CA PRO A 523 16.57 16.61 2.80
C PRO A 523 15.94 15.23 2.65
N LEU A 524 15.21 15.02 1.55
CA LEU A 524 14.73 13.69 1.17
C LEU A 524 15.74 13.11 0.22
N GLU A 525 16.15 11.87 0.46
CA GLU A 525 17.07 11.17 -0.42
C GLU A 525 16.31 10.02 -1.06
N VAL A 526 16.63 9.76 -2.32
CA VAL A 526 15.98 8.71 -3.08
C VAL A 526 17.07 7.81 -3.66
N GLU A 527 17.03 6.53 -3.31
CA GLU A 527 17.89 5.54 -3.97
C GLU A 527 17.22 5.10 -5.27
N VAL A 528 17.99 5.11 -6.35
CA VAL A 528 17.46 4.75 -7.68
C VAL A 528 18.33 3.69 -8.34
N GLY A 529 17.70 2.74 -9.02
CA GLY A 529 18.43 1.78 -9.85
C GLY A 529 17.69 1.45 -11.12
N ILE A 530 18.42 0.89 -12.08
CA ILE A 530 17.91 0.58 -13.41
C ILE A 530 18.21 -0.88 -13.71
N GLY A 531 17.24 -1.63 -14.23
CA GLY A 531 17.51 -3.03 -14.60
C GLY A 531 16.45 -3.67 -15.46
N GLU A 532 16.77 -4.87 -15.94
CA GLU A 532 15.86 -5.67 -16.74
C GLU A 532 14.74 -6.30 -15.90
N ASP A 533 14.89 -6.29 -14.58
CA ASP A 533 13.88 -6.85 -13.70
C ASP A 533 13.83 -6.08 -12.39
N TRP A 534 12.72 -6.20 -11.68
CA TRP A 534 12.47 -5.39 -10.49
C TRP A 534 13.54 -5.56 -9.41
N LEU A 535 14.01 -6.79 -9.21
CA LEU A 535 15.07 -7.02 -8.22
C LEU A 535 16.39 -6.39 -8.62
N SER A 536 16.80 -6.60 -9.88
CA SER A 536 18.05 -6.03 -10.39
CA SER A 536 18.05 -6.03 -10.39
C SER A 536 18.02 -4.50 -10.35
N ALA A 537 16.84 -3.93 -10.55
CA ALA A 537 16.65 -2.47 -10.49
C ALA A 537 16.71 -1.83 -9.09
N LYS A 538 16.79 -2.62 -8.01
CA LYS A 538 17.02 -2.07 -6.67
C LYS A 538 18.38 -2.46 -6.08
N GLU A 539 19.30 -2.98 -6.92
CA GLU A 539 20.57 -3.53 -6.45
C GLU A 539 21.70 -2.52 -6.64
#